data_5MFU
#
_entry.id   5MFU
#
_cell.length_a   64.780
_cell.length_b   64.780
_cell.length_c   135.787
_cell.angle_alpha   90.000
_cell.angle_beta   90.000
_cell.angle_gamma   90.000
#
_symmetry.space_group_name_H-M   'P 43 21 2'
#
loop_
_entity.id
_entity.type
_entity.pdbx_description
1 polymer 'cyclic-guanylate-specific phosphodiesterase'
2 polymer 'RNA (pGpG)'
3 non-polymer 'MANGANESE (II) ION'
4 non-polymer 'SODIUM ION'
5 water water
#
loop_
_entity_poly.entity_id
_entity_poly.type
_entity_poly.pdbx_seq_one_letter_code
_entity_poly.pdbx_strand_id
1 'polypeptide(L)'
;ASPSSELRRALEANEFIPYYQPLSPGQGGRWIGVEVLMRWRHPREGLIRPDLFIPFAERSGLIVPMTRALMRQVAEDLGG
HAGKLEPGFHIGFNISATHCHELALVDDCRELLAAFPPGHITLVLELTERELIESSEVTDRLFDELHALGVKIAIDDFGT
GHSSLAYLRKFQVDCLKIDQSFVARIGIDTLSGHILDSIVELSAKLDLDIVAEGVETPEQRDYLAARGVDYLQGYLIGRP
MPLESLLSSLTVQE
;
A
2 'polyribonucleotide' GG B
#
# COMPACT_ATOMS: atom_id res chain seq x y z
N ALA A 1 -5.34 -5.22 -32.70
CA ALA A 1 -4.77 -5.83 -31.45
C ALA A 1 -5.86 -6.33 -30.48
N SER A 2 -5.42 -7.01 -29.42
CA SER A 2 -6.29 -7.38 -28.28
C SER A 2 -5.60 -6.96 -26.98
N PRO A 3 -6.17 -5.99 -26.23
CA PRO A 3 -5.48 -5.57 -25.01
C PRO A 3 -5.36 -6.66 -23.90
N SER A 4 -6.30 -7.59 -23.84
CA SER A 4 -6.19 -8.73 -22.95
C SER A 4 -4.99 -9.60 -23.26
N SER A 5 -4.80 -9.90 -24.54
CA SER A 5 -3.66 -10.70 -25.05
C SER A 5 -2.32 -10.08 -24.70
N GLU A 6 -2.32 -8.77 -24.82
CA GLU A 6 -1.17 -7.92 -24.59
C GLU A 6 -0.79 -7.84 -23.11
N LEU A 7 -1.78 -7.89 -22.22
CA LEU A 7 -1.50 -7.99 -20.80
C LEU A 7 -0.93 -9.34 -20.47
N ARG A 8 -1.56 -10.41 -20.97
CA ARG A 8 -1.01 -11.79 -20.81
C ARG A 8 0.44 -11.92 -21.28
N ARG A 9 0.74 -11.36 -22.45
CA ARG A 9 2.10 -11.37 -22.99
C ARG A 9 3.07 -10.57 -22.09
N ALA A 10 2.65 -9.37 -21.65
CA ALA A 10 3.46 -8.59 -20.70
C ALA A 10 3.76 -9.37 -19.39
N LEU A 11 2.78 -10.10 -18.90
CA LEU A 11 2.97 -10.86 -17.68
C LEU A 11 3.96 -12.03 -17.87
N GLU A 12 3.84 -12.73 -18.99
CA GLU A 12 4.77 -13.82 -19.33
C GLU A 12 6.19 -13.32 -19.47
N ALA A 13 6.38 -12.16 -20.10
CA ALA A 13 7.70 -11.48 -20.18
C ALA A 13 8.14 -10.64 -18.97
N ASN A 14 7.52 -10.83 -17.83
CA ASN A 14 7.91 -10.16 -16.55
C ASN A 14 8.04 -8.66 -16.67
N GLU A 15 7.16 -8.04 -17.46
CA GLU A 15 7.21 -6.58 -17.64
C GLU A 15 6.54 -5.74 -16.56
N PHE A 16 5.77 -6.35 -15.66
CA PHE A 16 5.25 -5.60 -14.48
C PHE A 16 6.18 -5.71 -13.31
N ILE A 17 6.63 -4.56 -12.82
CA ILE A 17 7.67 -4.47 -11.84
C ILE A 17 7.28 -3.53 -10.66
N PRO A 18 7.91 -3.75 -9.51
CA PRO A 18 7.61 -2.94 -8.37
C PRO A 18 8.41 -1.66 -8.32
N TYR A 19 7.73 -0.56 -8.05
CA TYR A 19 8.32 0.65 -7.50
C TYR A 19 7.96 0.77 -6.04
N TYR A 20 8.76 1.53 -5.28
CA TYR A 20 8.70 1.53 -3.83
C TYR A 20 8.58 2.93 -3.37
N GLN A 21 7.50 3.31 -2.69
CA GLN A 21 7.40 4.66 -2.17
C GLN A 21 7.56 4.61 -0.63
N PRO A 22 8.48 5.35 -0.05
CA PRO A 22 8.70 5.25 1.37
C PRO A 22 7.75 5.97 2.27
N LEU A 23 7.65 5.45 3.50
CA LEU A 23 6.84 6.06 4.56
C LEU A 23 7.79 6.49 5.67
N SER A 24 7.54 7.65 6.24
CA SER A 24 8.34 8.08 7.36
C SER A 24 7.43 8.44 8.57
N PRO A 25 7.99 8.50 9.80
CA PRO A 25 7.20 8.84 10.96
C PRO A 25 6.73 10.26 10.88
N GLY A 26 5.52 10.52 11.35
CA GLY A 26 5.01 11.90 11.54
C GLY A 26 6.01 12.93 12.12
N GLN A 27 6.74 12.53 13.15
CA GLN A 27 7.68 13.44 13.79
C GLN A 27 9.10 13.37 13.16
N GLY A 28 9.24 12.67 12.05
CA GLY A 28 10.49 12.62 11.30
C GLY A 28 11.32 11.43 11.69
N GLY A 29 12.32 11.11 10.87
CA GLY A 29 13.25 10.00 11.18
C GLY A 29 13.49 9.15 9.95
N ARG A 30 14.09 7.98 10.17
CA ARG A 30 14.34 7.07 9.08
C ARG A 30 13.06 6.37 8.66
N TRP A 31 13.11 5.83 7.46
CA TRP A 31 11.93 5.30 6.82
C TRP A 31 11.50 4.10 7.63
N ILE A 32 10.21 3.97 7.85
CA ILE A 32 9.67 2.83 8.60
C ILE A 32 8.94 1.81 7.70
N GLY A 33 8.82 2.13 6.42
CA GLY A 33 8.31 1.17 5.45
C GLY A 33 8.21 1.66 4.03
N VAL A 34 7.63 0.82 3.17
CA VAL A 34 7.40 1.14 1.78
C VAL A 34 6.03 0.70 1.34
N GLU A 35 5.39 1.51 0.52
CA GLU A 35 4.28 1.05 -0.28
C GLU A 35 4.79 0.61 -1.66
N VAL A 36 4.37 -0.56 -2.09
CA VAL A 36 4.76 -1.13 -3.35
C VAL A 36 3.74 -0.80 -4.41
N LEU A 37 4.22 -0.32 -5.55
CA LEU A 37 3.34 0.20 -6.59
C LEU A 37 3.77 -0.44 -7.91
N MET A 38 2.83 -0.96 -8.64
CA MET A 38 3.10 -1.62 -9.90
C MET A 38 3.43 -0.58 -10.98
N ARG A 39 4.46 -0.87 -11.77
CA ARG A 39 4.75 -0.18 -13.01
C ARG A 39 4.85 -1.17 -14.12
N TRP A 40 4.55 -0.72 -15.36
CA TRP A 40 4.68 -1.57 -16.54
C TRP A 40 5.87 -1.07 -17.35
N ARG A 41 6.93 -1.86 -17.43
CA ARG A 41 8.04 -1.42 -18.27
C ARG A 41 7.73 -1.92 -19.69
N HIS A 42 7.13 -1.10 -20.49
CA HIS A 42 6.77 -1.50 -21.82
C HIS A 42 7.92 -1.42 -22.83
N PRO A 43 8.16 -2.47 -23.64
CA PRO A 43 9.26 -2.43 -24.66
C PRO A 43 9.36 -1.21 -25.60
N ARG A 44 8.22 -0.62 -25.96
N ARG A 44 8.23 -0.60 -25.93
CA ARG A 44 8.11 0.62 -26.76
CA ARG A 44 8.10 0.59 -26.81
C ARG A 44 7.94 1.88 -25.91
C ARG A 44 7.72 1.93 -26.15
N GLU A 45 6.86 1.90 -25.13
CA GLU A 45 6.31 3.13 -24.53
C GLU A 45 7.05 3.53 -23.27
N GLY A 46 7.96 2.71 -22.79
CA GLY A 46 8.62 3.00 -21.53
C GLY A 46 7.77 2.62 -20.31
N LEU A 47 8.15 3.20 -19.19
CA LEU A 47 7.52 3.01 -17.92
C LEU A 47 6.11 3.59 -17.86
N ILE A 48 5.12 2.71 -17.74
CA ILE A 48 3.71 3.11 -17.68
C ILE A 48 3.19 2.96 -16.23
N ARG A 49 2.38 3.92 -15.80
CA ARG A 49 1.83 3.96 -14.45
C ARG A 49 0.49 3.22 -14.44
N PRO A 50 0.08 2.73 -13.26
CA PRO A 50 -1.01 1.81 -13.18
C PRO A 50 -2.41 2.29 -13.51
N ASP A 51 -2.67 3.58 -13.40
CA ASP A 51 -3.98 4.09 -13.86
C ASP A 51 -4.23 3.88 -15.33
N LEU A 52 -3.20 3.62 -16.10
CA LEU A 52 -3.33 3.36 -17.51
C LEU A 52 -3.62 1.93 -17.92
N PHE A 53 -3.47 0.97 -17.01
CA PHE A 53 -3.61 -0.46 -17.29
C PHE A 53 -4.29 -1.33 -16.24
N ILE A 54 -4.31 -0.92 -14.97
CA ILE A 54 -4.91 -1.77 -13.91
C ILE A 54 -6.43 -1.98 -14.13
N PRO A 55 -7.15 -0.94 -14.58
CA PRO A 55 -8.58 -1.19 -14.81
C PRO A 55 -8.86 -2.20 -15.90
N PHE A 56 -8.10 -2.16 -16.97
CA PHE A 56 -8.19 -3.23 -17.97
C PHE A 56 -7.83 -4.58 -17.38
N ALA A 57 -6.75 -4.63 -16.58
CA ALA A 57 -6.37 -5.85 -15.90
C ALA A 57 -7.45 -6.41 -14.97
N GLU A 58 -8.16 -5.54 -14.28
CA GLU A 58 -9.33 -5.99 -13.51
C GLU A 58 -10.48 -6.58 -14.35
N ARG A 59 -10.84 -5.90 -15.44
CA ARG A 59 -11.86 -6.38 -16.36
C ARG A 59 -11.47 -7.72 -16.98
N SER A 60 -10.21 -7.87 -17.32
CA SER A 60 -9.70 -9.07 -17.97
C SER A 60 -9.50 -10.26 -17.03
N GLY A 61 -9.62 -10.09 -15.72
CA GLY A 61 -9.28 -11.16 -14.79
C GLY A 61 -7.80 -11.40 -14.57
N LEU A 62 -6.90 -10.53 -15.03
CA LEU A 62 -5.48 -10.72 -14.81
C LEU A 62 -4.86 -10.03 -13.58
N ILE A 63 -5.61 -9.18 -12.88
CA ILE A 63 -5.00 -8.44 -11.77
C ILE A 63 -4.40 -9.35 -10.65
N VAL A 64 -5.05 -10.46 -10.34
CA VAL A 64 -4.60 -11.35 -9.29
C VAL A 64 -3.25 -12.01 -9.63
N PRO A 65 -3.09 -12.62 -10.84
CA PRO A 65 -1.76 -13.11 -11.25
C PRO A 65 -0.69 -12.01 -11.35
N MET A 66 -1.08 -10.80 -11.76
CA MET A 66 -0.11 -9.71 -11.76
C MET A 66 0.31 -9.33 -10.30
N THR A 67 -0.63 -9.30 -9.39
CA THR A 67 -0.32 -9.03 -8.00
C THR A 67 0.61 -10.07 -7.36
N ARG A 68 0.32 -11.34 -7.60
CA ARG A 68 1.18 -12.47 -7.19
C ARG A 68 2.62 -12.36 -7.68
N ALA A 69 2.80 -12.05 -8.96
CA ALA A 69 4.13 -11.81 -9.55
C ALA A 69 4.82 -10.62 -8.89
N LEU A 70 4.06 -9.61 -8.52
CA LEU A 70 4.68 -8.48 -7.80
C LEU A 70 5.17 -8.86 -6.42
N MET A 71 4.32 -9.53 -5.69
CA MET A 71 4.69 -9.98 -4.38
C MET A 71 5.91 -10.89 -4.44
N ARG A 72 5.98 -11.77 -5.43
CA ARG A 72 7.19 -12.65 -5.61
C ARG A 72 8.41 -11.89 -5.95
N GLN A 73 8.28 -10.87 -6.78
CA GLN A 73 9.41 -10.02 -7.09
C GLN A 73 9.89 -9.21 -5.91
N VAL A 74 8.96 -8.73 -5.06
CA VAL A 74 9.37 -8.03 -3.85
C VAL A 74 10.18 -8.96 -2.92
N ALA A 75 9.71 -10.20 -2.77
CA ALA A 75 10.46 -11.20 -1.99
C ALA A 75 11.88 -11.41 -2.52
N GLU A 76 12.07 -11.61 -3.82
N GLU A 76 12.04 -11.66 -3.83
CA GLU A 76 13.41 -11.71 -4.41
CA GLU A 76 13.37 -11.66 -4.49
C GLU A 76 14.26 -10.42 -4.33
C GLU A 76 14.17 -10.41 -4.11
N ASP A 77 13.63 -9.25 -4.49
CA ASP A 77 14.29 -7.92 -4.30
C ASP A 77 14.77 -7.58 -2.89
N LEU A 78 13.89 -7.68 -1.91
CA LEU A 78 14.21 -7.26 -0.53
C LEU A 78 14.48 -8.42 0.46
N GLY A 79 14.24 -9.68 0.05
CA GLY A 79 14.53 -10.86 0.89
C GLY A 79 15.94 -11.01 1.46
N GLY A 80 16.96 -10.84 0.61
CA GLY A 80 18.38 -10.86 1.09
C GLY A 80 19.03 -9.58 1.64
N HIS A 81 18.23 -8.59 2.04
CA HIS A 81 18.71 -7.30 2.54
C HIS A 81 17.93 -6.90 3.76
N ALA A 82 17.63 -7.87 4.58
CA ALA A 82 16.77 -7.67 5.75
C ALA A 82 17.48 -6.78 6.77
N GLY A 83 18.79 -7.02 6.95
CA GLY A 83 19.65 -6.21 7.82
C GLY A 83 19.74 -4.73 7.48
N LYS A 84 19.42 -4.35 6.24
CA LYS A 84 19.17 -2.92 5.86
C LYS A 84 17.86 -2.34 6.40
N LEU A 85 16.91 -3.23 6.75
CA LEU A 85 15.60 -2.82 7.21
C LEU A 85 15.55 -2.95 8.72
N GLU A 86 15.26 -1.88 9.42
CA GLU A 86 15.02 -1.98 10.84
C GLU A 86 13.82 -2.89 11.08
N PRO A 87 13.80 -3.57 12.23
CA PRO A 87 12.67 -4.43 12.50
C PRO A 87 11.32 -3.74 12.55
N GLY A 88 10.32 -4.50 12.14
CA GLY A 88 8.98 -3.98 12.01
C GLY A 88 8.78 -3.18 10.74
N PHE A 89 9.66 -3.33 9.75
CA PHE A 89 9.59 -2.56 8.50
C PHE A 89 8.32 -2.91 7.74
N HIS A 90 7.49 -1.93 7.44
CA HIS A 90 6.23 -2.22 6.72
C HIS A 90 6.42 -2.37 5.21
N ILE A 91 5.75 -3.33 4.61
CA ILE A 91 5.73 -3.53 3.19
C ILE A 91 4.25 -3.59 2.81
N GLY A 92 3.75 -2.56 2.12
CA GLY A 92 2.35 -2.51 1.72
C GLY A 92 2.14 -2.82 0.24
N PHE A 93 1.01 -3.50 -0.04
CA PHE A 93 0.52 -3.86 -1.35
C PHE A 93 -0.93 -3.46 -1.48
N ASN A 94 -1.28 -2.94 -2.64
CA ASN A 94 -2.65 -2.62 -2.96
C ASN A 94 -3.29 -3.93 -3.45
N ILE A 95 -4.40 -4.32 -2.86
CA ILE A 95 -5.07 -5.56 -3.24
C ILE A 95 -6.38 -5.23 -3.87
N SER A 96 -6.63 -5.82 -5.01
CA SER A 96 -7.91 -5.65 -5.71
C SER A 96 -9.01 -6.44 -5.02
N ALA A 97 -10.25 -6.04 -5.24
CA ALA A 97 -11.40 -6.64 -4.53
C ALA A 97 -11.55 -8.13 -4.86
N THR A 98 -11.36 -8.49 -6.10
CA THR A 98 -11.50 -9.91 -6.44
C THR A 98 -10.54 -10.80 -5.63
N HIS A 99 -9.30 -10.34 -5.41
CA HIS A 99 -8.32 -11.07 -4.58
C HIS A 99 -8.83 -11.38 -3.12
N CYS A 100 -9.65 -10.49 -2.57
CA CYS A 100 -10.25 -10.66 -1.27
C CYS A 100 -11.41 -11.65 -1.18
N HIS A 101 -11.77 -12.29 -2.27
CA HIS A 101 -12.72 -13.40 -2.19
C HIS A 101 -12.03 -14.69 -2.47
N GLU A 102 -10.70 -14.66 -2.41
CA GLU A 102 -9.88 -15.79 -2.78
C GLU A 102 -8.93 -16.15 -1.66
N LEU A 103 -9.17 -17.34 -1.12
CA LEU A 103 -8.35 -17.90 -0.05
C LEU A 103 -6.87 -18.06 -0.41
N ALA A 104 -6.53 -18.16 -1.69
CA ALA A 104 -5.13 -18.13 -2.14
C ALA A 104 -4.33 -16.85 -1.75
N LEU A 105 -5.00 -15.76 -1.37
CA LEU A 105 -4.31 -14.57 -0.87
C LEU A 105 -3.51 -14.94 0.40
N VAL A 106 -4.09 -15.81 1.24
CA VAL A 106 -3.42 -16.28 2.45
C VAL A 106 -2.07 -16.91 2.11
N ASP A 107 -2.04 -17.80 1.13
CA ASP A 107 -0.80 -18.42 0.64
C ASP A 107 0.21 -17.43 0.04
N ASP A 108 -0.30 -16.48 -0.76
CA ASP A 108 0.53 -15.38 -1.31
C ASP A 108 1.21 -14.63 -0.16
N CYS A 109 0.45 -14.27 0.88
CA CYS A 109 1.01 -13.64 2.05
C CYS A 109 2.01 -14.50 2.84
N ARG A 110 1.67 -15.76 3.05
CA ARG A 110 2.61 -16.65 3.80
C ARG A 110 3.91 -16.78 3.06
N GLU A 111 3.83 -16.85 1.73
CA GLU A 111 5.02 -16.95 0.90
C GLU A 111 5.92 -15.71 0.97
N LEU A 112 5.32 -14.53 0.88
N LEU A 112 5.33 -14.53 0.87
CA LEU A 112 6.08 -13.31 1.05
CA LEU A 112 6.11 -13.30 1.02
C LEU A 112 6.73 -13.18 2.44
C LEU A 112 6.73 -13.16 2.44
N LEU A 113 6.00 -13.54 3.49
CA LEU A 113 6.56 -13.46 4.87
C LEU A 113 7.68 -14.48 5.08
N ALA A 114 7.63 -15.60 4.36
CA ALA A 114 8.66 -16.65 4.44
C ALA A 114 10.02 -16.25 3.87
N ALA A 115 10.05 -15.17 3.09
CA ALA A 115 11.29 -14.69 2.50
C ALA A 115 12.08 -13.75 3.39
N PHE A 116 11.61 -13.42 4.58
CA PHE A 116 12.34 -12.56 5.50
C PHE A 116 12.46 -13.35 6.82
N PRO A 117 13.45 -13.02 7.66
CA PRO A 117 13.47 -13.67 8.99
C PRO A 117 12.15 -13.41 9.78
N PRO A 118 11.80 -14.27 10.76
CA PRO A 118 10.51 -14.16 11.42
C PRO A 118 10.27 -12.87 12.19
N GLY A 119 9.08 -12.30 11.99
CA GLY A 119 8.72 -11.02 12.58
C GLY A 119 9.48 -9.80 12.06
N HIS A 120 10.42 -9.96 11.15
CA HIS A 120 11.24 -8.86 10.70
C HIS A 120 10.47 -7.73 10.04
N ILE A 121 9.60 -8.08 9.14
CA ILE A 121 8.71 -7.13 8.45
C ILE A 121 7.27 -7.27 8.90
N THR A 122 6.48 -6.26 8.60
CA THR A 122 5.05 -6.27 8.77
C THR A 122 4.46 -6.06 7.38
N LEU A 123 3.61 -6.99 6.96
CA LEU A 123 3.01 -6.99 5.66
C LEU A 123 1.71 -6.34 5.82
N VAL A 124 1.43 -5.31 4.99
CA VAL A 124 0.23 -4.51 5.09
C VAL A 124 -0.55 -4.69 3.73
N LEU A 125 -1.83 -5.04 3.79
CA LEU A 125 -2.71 -5.04 2.60
C LEU A 125 -3.64 -3.85 2.58
N GLU A 126 -3.64 -3.11 1.46
CA GLU A 126 -4.43 -1.91 1.33
C GLU A 126 -5.59 -2.18 0.47
N LEU A 127 -6.74 -1.92 1.02
CA LEU A 127 -8.00 -2.04 0.36
C LEU A 127 -8.58 -0.65 0.25
N THR A 128 -8.81 -0.23 -0.98
CA THR A 128 -9.44 1.11 -1.20
C THR A 128 -10.86 1.27 -0.54
N GLU A 129 -11.06 2.40 0.17
CA GLU A 129 -12.41 2.79 0.70
C GLU A 129 -13.44 3.07 -0.44
N ARG A 130 -12.98 3.36 -1.66
CA ARG A 130 -13.91 3.60 -2.79
C ARG A 130 -14.86 2.42 -3.08
N GLU A 131 -14.29 1.23 -3.32
CA GLU A 131 -15.05 -0.04 -3.40
C GLU A 131 -14.96 -0.83 -2.07
N LEU A 132 -16.06 -0.78 -1.31
CA LEU A 132 -16.16 -1.41 0.00
C LEU A 132 -16.44 -2.89 -0.18
N ILE A 133 -15.57 -3.72 0.34
CA ILE A 133 -15.68 -5.17 0.08
C ILE A 133 -16.90 -5.87 0.76
N GLU A 134 -17.77 -6.47 -0.07
CA GLU A 134 -18.99 -7.16 0.39
C GLU A 134 -18.59 -8.37 1.23
N SER A 135 -19.07 -8.46 2.47
CA SER A 135 -18.71 -9.59 3.34
C SER A 135 -19.47 -10.90 3.03
N SER A 136 -18.78 -12.02 3.23
CA SER A 136 -19.37 -13.34 3.24
C SER A 136 -18.61 -14.24 4.26
N GLU A 137 -19.00 -15.51 4.41
CA GLU A 137 -18.25 -16.45 5.22
C GLU A 137 -16.80 -16.73 4.73
N VAL A 138 -16.58 -16.52 3.44
CA VAL A 138 -15.29 -16.65 2.82
C VAL A 138 -14.44 -15.46 3.26
N THR A 139 -14.98 -14.25 3.23
CA THR A 139 -14.17 -13.10 3.63
C THR A 139 -13.91 -13.13 5.13
N ASP A 140 -14.90 -13.51 5.94
CA ASP A 140 -14.70 -13.72 7.42
C ASP A 140 -13.49 -14.66 7.69
N ARG A 141 -13.49 -15.78 7.00
N ARG A 141 -13.48 -15.80 7.01
CA ARG A 141 -12.42 -16.76 7.11
CA ARG A 141 -12.40 -16.79 7.14
C ARG A 141 -11.06 -16.26 6.63
C ARG A 141 -11.05 -16.25 6.65
N LEU A 142 -11.05 -15.58 5.49
CA LEU A 142 -9.82 -15.05 4.89
C LEU A 142 -9.16 -14.02 5.82
N PHE A 143 -9.94 -13.11 6.36
CA PHE A 143 -9.39 -12.07 7.17
C PHE A 143 -8.99 -12.51 8.55
N ASP A 144 -9.68 -13.52 9.10
CA ASP A 144 -9.19 -14.18 10.33
C ASP A 144 -7.81 -14.85 10.12
N GLU A 145 -7.65 -15.55 9.02
CA GLU A 145 -6.38 -16.20 8.68
C GLU A 145 -5.26 -15.22 8.38
N LEU A 146 -5.57 -14.10 7.72
CA LEU A 146 -4.57 -13.08 7.48
C LEU A 146 -4.15 -12.45 8.81
N HIS A 147 -5.10 -12.13 9.64
CA HIS A 147 -4.80 -11.57 10.92
C HIS A 147 -3.88 -12.47 11.75
N ALA A 148 -4.08 -13.77 11.65
CA ALA A 148 -3.36 -14.75 12.45
C ALA A 148 -1.97 -14.93 11.85
N LEU A 149 -1.80 -14.61 10.57
CA LEU A 149 -0.45 -14.54 10.01
C LEU A 149 0.37 -13.32 10.50
N GLY A 150 -0.29 -12.33 11.04
CA GLY A 150 0.34 -11.07 11.37
C GLY A 150 0.22 -9.96 10.33
N VAL A 151 -0.56 -10.22 9.29
CA VAL A 151 -0.82 -9.27 8.24
C VAL A 151 -1.68 -8.16 8.80
N LYS A 152 -1.38 -6.92 8.46
CA LYS A 152 -2.22 -5.79 8.82
C LYS A 152 -3.12 -5.33 7.63
N ILE A 153 -4.28 -4.74 7.95
CA ILE A 153 -5.19 -4.23 6.94
C ILE A 153 -5.27 -2.73 7.09
N ALA A 154 -4.98 -2.07 5.98
CA ALA A 154 -5.18 -0.65 5.87
C ALA A 154 -6.31 -0.33 4.85
N ILE A 155 -7.11 0.64 5.22
CA ILE A 155 -8.05 1.23 4.31
C ILE A 155 -7.43 2.49 3.72
N ASP A 156 -7.26 2.42 2.39
CA ASP A 156 -6.61 3.40 1.49
C ASP A 156 -7.62 4.43 1.01
N ASP A 157 -7.10 5.55 0.48
CA ASP A 157 -7.91 6.68 0.00
C ASP A 157 -9.03 7.06 1.00
N PHE A 158 -8.71 7.01 2.30
CA PHE A 158 -9.72 7.19 3.33
C PHE A 158 -10.23 8.62 3.34
N GLY A 159 -11.54 8.76 3.62
CA GLY A 159 -12.27 10.04 3.47
C GLY A 159 -12.95 10.26 2.11
N THR A 160 -12.54 9.57 1.06
CA THR A 160 -13.21 9.69 -0.26
C THR A 160 -14.39 8.72 -0.48
N GLY A 161 -14.43 7.58 0.22
CA GLY A 161 -15.51 6.57 0.03
C GLY A 161 -16.55 6.71 1.12
N HIS A 162 -17.26 5.64 1.47
CA HIS A 162 -18.33 5.75 2.49
C HIS A 162 -18.49 4.62 3.56
N SER A 163 -17.38 4.06 4.04
CA SER A 163 -17.40 3.01 5.07
C SER A 163 -17.99 3.42 6.42
N SER A 164 -18.35 2.43 7.23
CA SER A 164 -18.93 2.68 8.55
C SER A 164 -17.99 2.15 9.62
N LEU A 165 -18.26 2.53 10.87
CA LEU A 165 -17.51 2.01 12.00
C LEU A 165 -17.57 0.49 12.05
N ALA A 166 -18.78 -0.04 11.83
CA ALA A 166 -19.06 -1.48 11.96
C ALA A 166 -18.22 -2.32 10.98
N TYR A 167 -18.10 -1.82 9.74
CA TYR A 167 -17.23 -2.38 8.68
C TYR A 167 -15.72 -2.36 9.01
N LEU A 168 -15.27 -1.34 9.76
CA LEU A 168 -13.91 -1.30 10.29
C LEU A 168 -13.60 -2.40 11.31
N ARG A 169 -14.56 -2.77 12.15
CA ARG A 169 -14.37 -3.92 13.06
C ARG A 169 -14.49 -5.27 12.33
N LYS A 170 -15.41 -5.37 11.39
CA LYS A 170 -15.57 -6.58 10.55
C LYS A 170 -14.26 -7.11 9.95
N PHE A 171 -13.60 -6.27 9.17
CA PHE A 171 -12.39 -6.62 8.47
C PHE A 171 -11.11 -6.35 9.28
N GLN A 172 -11.24 -6.10 10.59
CA GLN A 172 -10.09 -6.03 11.53
C GLN A 172 -9.03 -4.96 11.13
N VAL A 173 -9.53 -3.76 10.82
CA VAL A 173 -8.73 -2.73 10.21
C VAL A 173 -7.71 -2.20 11.23
N ASP A 174 -6.47 -2.11 10.81
CA ASP A 174 -5.32 -1.63 11.63
C ASP A 174 -4.99 -0.15 11.36
N CYS A 175 -5.34 0.35 10.17
CA CYS A 175 -4.78 1.59 9.68
C CYS A 175 -5.71 2.27 8.66
N LEU A 176 -5.83 3.59 8.77
CA LEU A 176 -6.50 4.40 7.79
C LEU A 176 -5.46 5.17 6.99
N LYS A 177 -5.61 5.19 5.68
CA LYS A 177 -4.77 6.07 4.83
C LYS A 177 -5.54 7.23 4.28
N ILE A 178 -5.18 8.44 4.70
CA ILE A 178 -5.90 9.68 4.32
C ILE A 178 -5.59 10.01 2.85
N ASP A 179 -6.65 10.12 2.06
CA ASP A 179 -6.50 10.43 0.66
C ASP A 179 -5.73 11.73 0.37
N GLN A 180 -4.95 11.70 -0.67
CA GLN A 180 -4.11 12.83 -0.96
C GLN A 180 -4.81 14.12 -1.32
N SER A 181 -6.07 14.05 -1.75
CA SER A 181 -6.89 15.24 -2.04
C SER A 181 -7.17 16.08 -0.81
N PHE A 182 -7.38 15.44 0.34
CA PHE A 182 -7.55 16.14 1.61
C PHE A 182 -6.27 16.77 2.04
N VAL A 183 -5.16 16.10 1.85
CA VAL A 183 -3.87 16.67 2.21
C VAL A 183 -3.56 17.90 1.34
N ALA A 184 -3.90 17.83 0.05
CA ALA A 184 -3.69 18.97 -0.90
C ALA A 184 -4.41 20.27 -0.46
N ARG A 185 -5.52 20.14 0.26
CA ARG A 185 -6.27 21.29 0.78
C ARG A 185 -5.77 21.95 2.07
N ILE A 186 -4.73 21.44 2.72
CA ILE A 186 -4.24 22.03 3.95
C ILE A 186 -3.76 23.46 3.71
N GLY A 187 -4.30 24.37 4.51
CA GLY A 187 -3.95 25.78 4.49
C GLY A 187 -4.67 26.55 3.42
N ILE A 188 -5.87 26.08 3.06
CA ILE A 188 -6.62 26.63 1.94
C ILE A 188 -8.14 26.66 2.19
N ASP A 189 -8.79 25.50 2.38
CA ASP A 189 -10.28 25.41 2.25
C ASP A 189 -11.23 25.19 3.46
N THR A 190 -10.74 25.23 4.70
CA THR A 190 -11.60 25.25 5.93
C THR A 190 -12.51 24.01 6.12
N LEU A 191 -13.31 23.70 5.09
CA LEU A 191 -14.11 22.46 5.01
C LEU A 191 -13.24 21.22 5.25
N SER A 192 -12.18 21.08 4.46
CA SER A 192 -11.29 19.91 4.55
C SER A 192 -10.50 19.82 5.85
N GLY A 193 -10.20 20.96 6.46
CA GLY A 193 -9.66 20.98 7.83
C GLY A 193 -10.55 20.20 8.79
N HIS A 194 -11.85 20.50 8.77
CA HIS A 194 -12.88 19.77 9.56
C HIS A 194 -13.03 18.31 9.15
N ILE A 195 -12.90 18.02 7.85
CA ILE A 195 -12.90 16.63 7.33
C ILE A 195 -11.66 15.88 7.81
N LEU A 196 -10.49 16.47 7.60
CA LEU A 196 -9.22 15.93 8.08
C LEU A 196 -9.20 15.67 9.58
N ASP A 197 -9.61 16.69 10.34
CA ASP A 197 -9.67 16.59 11.78
C ASP A 197 -10.67 15.53 12.19
N SER A 198 -11.80 15.41 11.49
CA SER A 198 -12.76 14.31 11.77
C SER A 198 -12.22 12.88 11.44
N ILE A 199 -11.38 12.76 10.40
CA ILE A 199 -10.65 11.51 10.15
C ILE A 199 -9.65 11.20 11.28
N VAL A 200 -8.86 12.18 11.67
CA VAL A 200 -7.96 12.05 12.84
C VAL A 200 -8.71 11.70 14.13
N GLU A 201 -9.86 12.32 14.33
CA GLU A 201 -10.70 12.08 15.48
C GLU A 201 -11.11 10.62 15.50
N LEU A 202 -11.67 10.14 14.39
CA LEU A 202 -12.09 8.74 14.25
C LEU A 202 -10.92 7.77 14.51
N SER A 203 -9.73 8.07 14.03
CA SER A 203 -8.64 7.15 14.21
C SER A 203 -8.27 7.05 15.69
N ALA A 204 -8.32 8.17 16.40
CA ALA A 204 -8.08 8.15 17.87
C ALA A 204 -9.19 7.36 18.57
N LYS A 205 -10.45 7.68 18.28
CA LYS A 205 -11.58 6.95 18.87
C LYS A 205 -11.47 5.46 18.70
N LEU A 206 -11.05 4.99 17.52
CA LEU A 206 -10.98 3.54 17.26
C LEU A 206 -9.63 2.94 17.53
N ASP A 207 -8.67 3.72 18.00
CA ASP A 207 -7.29 3.26 18.18
C ASP A 207 -6.62 2.74 16.87
N LEU A 208 -6.80 3.45 15.76
CA LEU A 208 -6.18 3.07 14.47
C LEU A 208 -4.97 3.95 14.15
N ASP A 209 -3.98 3.37 13.50
CA ASP A 209 -2.87 4.16 12.91
C ASP A 209 -3.42 4.97 11.73
N ILE A 210 -2.71 6.04 11.39
CA ILE A 210 -3.09 6.86 10.26
C ILE A 210 -1.86 7.27 9.47
N VAL A 211 -1.98 7.09 8.15
CA VAL A 211 -1.00 7.53 7.18
C VAL A 211 -1.63 8.71 6.41
N ALA A 212 -0.91 9.80 6.29
CA ALA A 212 -1.33 10.83 5.31
C ALA A 212 -0.53 10.60 4.05
N GLU A 213 -1.23 10.50 2.96
CA GLU A 213 -0.66 10.42 1.64
C GLU A 213 -0.68 11.79 0.97
N GLY A 214 0.28 12.02 0.07
CA GLY A 214 0.33 13.20 -0.73
C GLY A 214 1.03 14.36 -0.08
N VAL A 215 1.90 14.10 0.85
CA VAL A 215 2.58 15.19 1.56
C VAL A 215 3.69 15.66 0.63
N GLU A 216 3.45 16.82 0.07
CA GLU A 216 4.36 17.49 -0.86
C GLU A 216 5.08 18.69 -0.27
N THR A 217 4.49 19.35 0.74
CA THR A 217 5.14 20.56 1.32
C THR A 217 5.44 20.53 2.83
N PRO A 218 6.44 21.31 3.28
CA PRO A 218 6.72 21.43 4.74
C PRO A 218 5.54 21.94 5.58
N GLU A 219 4.71 22.79 5.01
CA GLU A 219 3.51 23.21 5.67
C GLU A 219 2.54 22.05 5.92
N GLN A 220 2.37 21.17 4.92
CA GLN A 220 1.55 19.97 5.08
C GLN A 220 2.09 19.06 6.17
N ARG A 221 3.38 18.78 6.11
CA ARG A 221 3.99 17.90 7.07
C ARG A 221 3.74 18.37 8.52
N ASP A 222 3.83 19.67 8.74
CA ASP A 222 3.80 20.27 10.10
C ASP A 222 2.36 20.32 10.60
N TYR A 223 1.43 20.58 9.71
CA TYR A 223 0.02 20.52 10.08
C TYR A 223 -0.36 19.11 10.50
N LEU A 224 0.14 18.12 9.77
CA LEU A 224 -0.26 16.76 10.02
C LEU A 224 0.37 16.20 11.30
N ALA A 225 1.64 16.51 11.53
CA ALA A 225 2.28 16.10 12.76
C ALA A 225 1.66 16.76 14.02
N ALA A 226 1.31 18.04 13.95
CA ALA A 226 0.56 18.71 15.07
C ALA A 226 -0.78 17.99 15.45
N ARG A 227 -1.27 17.16 14.53
CA ARG A 227 -2.46 16.41 14.79
C ARG A 227 -2.21 14.96 15.05
N GLY A 228 -0.97 14.56 15.30
CA GLY A 228 -0.72 13.18 15.71
C GLY A 228 -0.68 12.16 14.58
N VAL A 229 -0.56 12.61 13.32
CA VAL A 229 -0.54 11.63 12.21
C VAL A 229 0.70 10.76 12.39
N ASP A 230 0.51 9.44 12.43
CA ASP A 230 1.58 8.48 12.65
C ASP A 230 2.61 8.43 11.54
N TYR A 231 2.14 8.36 10.30
CA TYR A 231 3.02 8.12 9.16
C TYR A 231 2.67 9.03 7.97
N LEU A 232 3.71 9.45 7.27
CA LEU A 232 3.59 10.39 6.14
C LEU A 232 4.14 9.74 4.89
N GLN A 233 3.49 9.99 3.78
CA GLN A 233 3.94 9.52 2.50
C GLN A 233 3.68 10.64 1.51
N GLY A 234 4.58 10.84 0.55
CA GLY A 234 4.33 11.74 -0.55
C GLY A 234 5.61 12.24 -1.16
N TYR A 235 5.53 13.14 -2.13
CA TYR A 235 6.77 13.53 -2.86
C TYR A 235 7.75 14.21 -1.97
N LEU A 236 7.31 14.86 -0.90
CA LEU A 236 8.27 15.43 0.02
C LEU A 236 9.07 14.41 0.71
N ILE A 237 8.47 13.26 1.00
CA ILE A 237 9.18 12.19 1.66
C ILE A 237 10.06 11.40 0.66
N GLY A 238 9.49 11.11 -0.50
CA GLY A 238 10.19 10.36 -1.54
C GLY A 238 9.14 9.93 -2.52
N ARG A 239 9.42 10.18 -3.79
N ARG A 239 9.42 10.17 -3.80
CA ARG A 239 8.63 9.71 -4.93
CA ARG A 239 8.64 9.65 -4.92
C ARG A 239 8.77 8.18 -5.03
C ARG A 239 8.74 8.14 -4.96
N PRO A 240 7.80 7.49 -5.66
CA PRO A 240 8.02 6.04 -5.96
C PRO A 240 9.32 5.81 -6.75
N MET A 241 10.15 4.87 -6.33
CA MET A 241 11.48 4.72 -6.88
C MET A 241 11.75 3.22 -7.24
N PRO A 242 12.63 2.98 -8.24
CA PRO A 242 13.11 1.65 -8.48
C PRO A 242 13.95 1.11 -7.30
N LEU A 243 14.06 -0.20 -7.24
CA LEU A 243 14.77 -0.89 -6.22
C LEU A 243 16.15 -0.33 -5.96
N GLU A 244 16.93 -0.13 -7.03
CA GLU A 244 18.27 0.38 -6.94
C GLU A 244 18.35 1.70 -6.13
N SER A 245 17.42 2.65 -6.35
CA SER A 245 17.41 3.89 -5.57
C SER A 245 16.96 3.62 -4.16
N LEU A 246 16.04 2.66 -3.98
CA LEU A 246 15.57 2.37 -2.61
C LEU A 246 16.73 1.82 -1.79
N LEU A 247 17.46 0.89 -2.34
CA LEU A 247 18.61 0.30 -1.66
C LEU A 247 19.70 1.31 -1.34
N SER A 248 19.98 2.18 -2.30
N SER A 248 19.99 2.21 -2.25
CA SER A 248 20.89 3.29 -2.11
CA SER A 248 20.98 3.24 -1.96
C SER A 248 20.55 4.05 -0.82
C SER A 248 20.58 4.11 -0.77
N SER A 249 19.33 4.58 -0.74
CA SER A 249 18.86 5.39 0.38
C SER A 249 18.80 4.58 1.73
N LEU A 250 18.45 3.32 1.68
CA LEU A 250 18.42 2.54 2.90
C LEU A 250 19.85 2.35 3.47
N THR A 251 20.84 2.23 2.59
CA THR A 251 22.22 2.08 3.02
C THR A 251 22.69 3.34 3.75
N VAL A 252 22.35 4.52 3.24
CA VAL A 252 22.67 5.80 3.91
C VAL A 252 22.07 5.94 5.31
N GLN A 253 20.81 5.56 5.49
CA GLN A 253 20.12 5.60 6.78
C GLN A 253 20.70 4.54 7.73
N GLU A 254 21.29 3.50 7.12
CA GLU A 254 22.26 2.54 7.71
C GLU A 254 21.64 1.26 8.18
#